data_6XRW
#
_entry.id   6XRW
#
_cell.length_a   98.401
_cell.length_b   121.323
_cell.length_c   58.584
_cell.angle_alpha   90.000
_cell.angle_beta   90.000
_cell.angle_gamma   90.000
#
_symmetry.space_group_name_H-M   'C 2 2 21'
#
loop_
_entity.id
_entity.type
_entity.pdbx_description
1 polymer 'Plasmid stabilisation system protein'
2 polymer 'Ribbon-helix-helix protein, CopG family'
3 non-polymer GLYCEROL
4 non-polymer 'NONAETHYLENE GLYCOL'
5 non-polymer BENZAMIDINE
6 water water
#
loop_
_entity_poly.entity_id
_entity_poly.type
_entity_poly.pdbx_seq_one_letter_code
_entity_poly.pdbx_strand_id
1 'polypeptide(L)'
;GSHMMSLKWTRKAAADLDAIYDHYVVLIGPEKALKAVQDIVEQVKPLQQVANQGAGRPSEVPGVRTLTLERWPFSAPFRV
KGKEIQILRIDRVEITP
;
A,C
2 'polypeptide(L)' GSHMMSTVVSFRADDALVAALDELARATHRDRPYHLRQALAQYLERQQWQVAAIDEGLADANAGRLLEHIEIEKRWGLQ B,D
#
loop_
_chem_comp.id
_chem_comp.type
_chem_comp.name
_chem_comp.formula
2PE non-polymer 'NONAETHYLENE GLYCOL' 'C18 H38 O10'
BEN non-polymer BENZAMIDINE 'C7 H8 N2'
GOL non-polymer GLYCEROL 'C3 H8 O3'
#
# COMPACT_ATOMS: atom_id res chain seq x y z
N MET A 5 -22.71 7.50 12.07
CA MET A 5 -21.40 8.15 12.09
C MET A 5 -20.42 7.57 11.07
N SER A 6 -19.53 8.42 10.58
CA SER A 6 -18.58 8.02 9.54
C SER A 6 -17.31 7.52 10.21
N LEU A 7 -16.81 6.36 9.75
CA LEU A 7 -15.53 5.83 10.20
C LEU A 7 -14.49 6.17 9.13
N LYS A 8 -13.44 6.89 9.53
CA LYS A 8 -12.41 7.31 8.59
C LYS A 8 -11.04 6.90 9.10
N TRP A 9 -10.12 6.69 8.16
CA TRP A 9 -8.73 6.34 8.44
C TRP A 9 -7.82 7.48 7.97
N THR A 10 -6.80 7.81 8.76
CA THR A 10 -5.83 8.77 8.26
C THR A 10 -5.02 8.17 7.10
N ARG A 11 -4.44 9.07 6.31
CA ARG A 11 -3.46 8.65 5.32
CA ARG A 11 -3.46 8.64 5.32
C ARG A 11 -2.39 7.75 5.96
N LYS A 12 -1.92 8.13 7.14
CA LYS A 12 -0.87 7.33 7.77
C LYS A 12 -1.37 5.94 8.17
N ALA A 13 -2.58 5.85 8.73
CA ALA A 13 -3.14 4.54 9.08
C ALA A 13 -3.31 3.66 7.84
N ALA A 14 -3.72 4.24 6.72
CA ALA A 14 -3.83 3.45 5.50
C ALA A 14 -2.47 2.94 5.05
N ALA A 15 -1.46 3.81 5.09
CA ALA A 15 -0.10 3.37 4.77
C ALA A 15 0.39 2.31 5.74
N ASP A 16 0.01 2.43 7.02
CA ASP A 16 0.38 1.41 8.00
C ASP A 16 -0.06 0.02 7.55
N LEU A 17 -1.28 -0.10 7.00
CA LEU A 17 -1.75 -1.40 6.57
C LEU A 17 -0.89 -1.96 5.46
N ASP A 18 -0.53 -1.10 4.49
CA ASP A 18 0.39 -1.51 3.44
C ASP A 18 1.74 -1.94 4.00
N ALA A 19 2.27 -1.19 4.97
CA ALA A 19 3.53 -1.59 5.59
C ALA A 19 3.38 -2.89 6.37
N ILE A 20 2.23 -3.10 7.01
CA ILE A 20 2.04 -4.34 7.75
C ILE A 20 1.98 -5.52 6.80
N TYR A 21 1.33 -5.34 5.65
CA TYR A 21 1.28 -6.40 4.64
C TYR A 21 2.68 -6.80 4.21
N ASP A 22 3.52 -5.80 3.90
CA ASP A 22 4.89 -6.08 3.47
C ASP A 22 5.69 -6.74 4.58
N HIS A 23 5.43 -6.36 5.83
CA HIS A 23 6.14 -7.01 6.92
C HIS A 23 5.80 -8.49 6.99
N TYR A 24 4.53 -8.84 6.82
CA TYR A 24 4.15 -10.23 6.95
C TYR A 24 4.37 -11.04 5.67
N VAL A 25 4.36 -10.41 4.49
CA VAL A 25 4.55 -11.21 3.28
C VAL A 25 5.91 -11.91 3.32
N VAL A 26 6.93 -11.25 3.87
CA VAL A 26 8.25 -11.87 3.86
C VAL A 26 8.37 -12.95 4.92
N LEU A 27 7.49 -12.95 5.92
CA LEU A 27 7.50 -13.98 6.95
C LEU A 27 6.55 -15.13 6.64
N ILE A 28 5.35 -14.86 6.14
CA ILE A 28 4.34 -15.92 6.02
C ILE A 28 3.71 -15.98 4.64
N GLY A 29 4.22 -15.19 3.70
CA GLY A 29 3.76 -15.25 2.33
C GLY A 29 2.52 -14.39 2.09
N PRO A 30 2.14 -14.21 0.82
CA PRO A 30 1.09 -13.21 0.51
C PRO A 30 -0.30 -13.61 0.93
N GLU A 31 -0.67 -14.90 0.86
CA GLU A 31 -2.03 -15.30 1.21
C GLU A 31 -2.32 -15.05 2.68
N LYS A 32 -1.39 -15.45 3.55
CA LYS A 32 -1.56 -15.25 4.98
C LYS A 32 -1.34 -13.80 5.39
N ALA A 33 -0.45 -13.08 4.71
CA ALA A 33 -0.29 -11.65 4.99
C ALA A 33 -1.57 -10.89 4.67
N LEU A 34 -2.22 -11.25 3.56
CA LEU A 34 -3.48 -10.60 3.21
C LEU A 34 -4.54 -10.85 4.27
N LYS A 35 -4.66 -12.10 4.72
CA LYS A 35 -5.62 -12.42 5.77
C LYS A 35 -5.32 -11.66 7.07
N ALA A 36 -4.04 -11.48 7.40
CA ALA A 36 -3.69 -10.70 8.59
C ALA A 36 -4.20 -9.28 8.47
N VAL A 37 -3.96 -8.64 7.33
CA VAL A 37 -4.40 -7.27 7.18
C VAL A 37 -5.93 -7.19 7.16
N GLN A 38 -6.59 -8.14 6.49
CA GLN A 38 -8.05 -8.13 6.48
C GLN A 38 -8.62 -8.29 7.88
N ASP A 39 -7.97 -9.13 8.70
CA ASP A 39 -8.39 -9.29 10.08
C ASP A 39 -8.32 -7.96 10.83
N ILE A 40 -7.21 -7.25 10.70
CA ILE A 40 -7.05 -5.95 11.35
C ILE A 40 -8.14 -5.00 10.90
N VAL A 41 -8.43 -4.96 9.60
CA VAL A 41 -9.43 -4.02 9.09
C VAL A 41 -10.81 -4.35 9.66
N GLU A 42 -11.14 -5.66 9.73
CA GLU A 42 -12.43 -6.05 10.26
C GLU A 42 -12.53 -5.85 11.77
N GLN A 43 -11.40 -5.89 12.48
CA GLN A 43 -11.45 -5.59 13.92
C GLN A 43 -11.72 -4.12 14.20
N VAL A 44 -11.33 -3.24 13.28
CA VAL A 44 -11.52 -1.80 13.44
C VAL A 44 -12.96 -1.42 13.11
N LYS A 45 -13.57 -2.12 12.15
CA LYS A 45 -14.91 -1.78 11.69
C LYS A 45 -15.94 -1.54 12.78
N PRO A 46 -16.04 -2.33 13.86
CA PRO A 46 -17.08 -2.08 14.87
C PRO A 46 -16.95 -0.76 15.60
N LEU A 47 -15.83 -0.05 15.47
CA LEU A 47 -15.75 1.29 16.05
C LEU A 47 -16.72 2.25 15.38
N GLN A 48 -17.32 1.86 14.25
CA GLN A 48 -18.35 2.70 13.64
C GLN A 48 -19.56 2.84 14.54
N GLN A 49 -19.87 1.81 15.34
CA GLN A 49 -21.03 1.84 16.21
C GLN A 49 -20.73 2.63 17.48
N VAL A 50 -21.66 3.51 17.88
CA VAL A 50 -21.43 4.37 19.03
C VAL A 50 -21.19 3.54 20.28
N ALA A 51 -21.86 2.37 20.36
CA ALA A 51 -21.73 1.53 21.55
C ALA A 51 -20.29 1.08 21.77
N ASN A 52 -19.47 1.10 20.73
CA ASN A 52 -18.10 0.64 20.83
C ASN A 52 -17.09 1.79 20.89
N GLN A 53 -17.54 3.04 20.79
CA GLN A 53 -16.59 4.13 20.66
C GLN A 53 -15.95 4.54 21.98
N GLY A 54 -16.28 3.85 23.06
CA GLY A 54 -15.55 3.97 24.30
C GLY A 54 -14.70 2.76 24.60
N ALA A 55 -14.52 1.87 23.62
CA ALA A 55 -13.70 0.69 23.79
C ALA A 55 -12.22 1.06 23.85
N GLY A 56 -11.38 0.05 23.98
CA GLY A 56 -9.98 0.34 24.18
C GLY A 56 -9.71 0.98 25.53
N ARG A 57 -8.50 1.52 25.66
CA ARG A 57 -8.09 2.18 26.93
C ARG A 57 -7.46 3.52 26.59
N PRO A 58 -7.60 4.54 27.47
CA PRO A 58 -6.97 5.85 27.23
C PRO A 58 -5.53 5.66 26.80
N SER A 59 -5.17 6.32 25.70
CA SER A 59 -3.79 6.31 25.25
C SER A 59 -2.99 7.29 26.09
N GLU A 60 -1.69 7.38 25.81
CA GLU A 60 -0.89 8.41 26.45
C GLU A 60 -1.26 9.81 25.96
N VAL A 61 -1.89 9.91 24.80
CA VAL A 61 -2.15 11.19 24.15
C VAL A 61 -3.57 11.63 24.50
N PRO A 62 -3.79 12.90 24.88
CA PRO A 62 -5.12 13.34 25.30
C PRO A 62 -6.16 13.25 24.19
N GLY A 63 -7.37 12.83 24.57
CA GLY A 63 -8.48 12.73 23.66
C GLY A 63 -8.38 11.60 22.66
N VAL A 64 -7.40 10.71 22.82
CA VAL A 64 -7.18 9.57 21.94
C VAL A 64 -7.28 8.31 22.80
N ARG A 65 -8.12 7.38 22.37
CA ARG A 65 -8.18 6.05 22.93
C ARG A 65 -7.42 5.08 22.03
N THR A 66 -7.00 3.96 22.60
CA THR A 66 -6.22 2.98 21.85
C THR A 66 -6.89 1.61 21.96
N LEU A 67 -7.23 1.02 20.83
CA LEU A 67 -7.80 -0.32 20.78
C LEU A 67 -6.67 -1.32 20.56
N THR A 68 -6.43 -2.19 21.53
CA THR A 68 -5.46 -3.26 21.39
C THR A 68 -6.09 -4.41 20.60
N LEU A 69 -5.49 -4.74 19.46
CA LEU A 69 -6.13 -5.70 18.58
C LEU A 69 -5.86 -7.12 19.07
N GLU A 70 -6.75 -8.03 18.68
CA GLU A 70 -6.56 -9.46 18.90
C GLU A 70 -5.64 -10.06 17.84
N ARG A 71 -4.91 -11.10 18.24
CA ARG A 71 -4.18 -12.01 17.35
C ARG A 71 -2.89 -11.42 16.80
N TRP A 72 -2.91 -10.13 16.46
CA TRP A 72 -1.78 -9.45 15.84
C TRP A 72 -1.24 -8.35 16.75
N PRO A 73 0.07 -8.18 16.85
CA PRO A 73 0.61 -7.26 17.88
C PRO A 73 0.51 -5.79 17.46
N PHE A 74 -0.72 -5.32 17.32
CA PHE A 74 -0.94 -3.95 16.89
C PHE A 74 -2.02 -3.30 17.75
N SER A 75 -2.01 -1.98 17.74
CA SER A 75 -3.01 -1.20 18.45
C SER A 75 -3.52 -0.14 17.48
N ALA A 76 -4.78 0.21 17.63
CA ALA A 76 -5.41 1.22 16.78
C ALA A 76 -5.80 2.42 17.60
N PRO A 77 -4.96 3.46 17.68
CA PRO A 77 -5.40 4.71 18.32
C PRO A 77 -6.49 5.38 17.49
N PHE A 78 -7.50 5.92 18.19
CA PHE A 78 -8.63 6.52 17.50
C PHE A 78 -9.19 7.65 18.36
N ARG A 79 -9.96 8.52 17.72
CA ARG A 79 -10.69 9.53 18.47
C ARG A 79 -12.02 9.82 17.80
N VAL A 80 -12.97 10.29 18.61
CA VAL A 80 -14.23 10.80 18.08
C VAL A 80 -14.06 12.31 17.87
N LYS A 81 -14.37 12.76 16.68
CA LYS A 81 -14.29 14.20 16.34
C LYS A 81 -15.55 14.58 15.57
N GLY A 82 -16.45 15.28 16.25
CA GLY A 82 -17.69 15.63 15.59
C GLY A 82 -18.43 14.37 15.20
N LYS A 83 -18.78 14.26 13.92
CA LYS A 83 -19.54 13.13 13.40
C LYS A 83 -18.63 12.02 12.88
N GLU A 84 -17.33 12.08 13.17
CA GLU A 84 -16.36 11.11 12.66
C GLU A 84 -15.72 10.34 13.81
N ILE A 85 -15.50 9.05 13.58
CA ILE A 85 -14.52 8.25 14.32
C ILE A 85 -13.29 8.19 13.43
N GLN A 86 -12.14 8.64 13.92
CA GLN A 86 -10.94 8.70 13.11
C GLN A 86 -9.92 7.68 13.60
N ILE A 87 -9.57 6.73 12.73
CA ILE A 87 -8.51 5.76 13.00
C ILE A 87 -7.18 6.43 12.69
N LEU A 88 -6.37 6.67 13.71
CA LEU A 88 -5.23 7.58 13.54
C LEU A 88 -4.00 6.85 13.02
N ARG A 89 -3.79 5.59 13.45
CA ARG A 89 -2.65 4.77 13.11
C ARG A 89 -3.06 3.32 13.28
N ILE A 90 -2.29 2.41 12.67
CA ILE A 90 -2.19 1.02 13.14
C ILE A 90 -0.75 0.82 13.56
N ASP A 91 -0.49 0.91 14.87
CA ASP A 91 0.85 0.93 15.43
C ASP A 91 1.28 -0.45 15.91
N ARG A 92 2.52 -0.84 15.60
CA ARG A 92 3.05 -2.03 16.24
C ARG A 92 3.25 -1.77 17.74
N VAL A 93 2.90 -2.77 18.56
CA VAL A 93 3.09 -2.64 20.01
C VAL A 93 3.66 -3.94 20.55
N GLU A 94 4.17 -3.86 21.77
CA GLU A 94 4.56 -5.04 22.54
C GLU A 94 3.47 -5.35 23.56
N ILE A 95 3.02 -6.59 23.60
CA ILE A 95 1.95 -6.99 24.50
C ILE A 95 2.37 -8.20 25.34
N THR A 96 2.13 -8.10 26.65
CA THR A 96 2.42 -9.26 27.52
C THR A 96 1.15 -10.10 27.64
N GLY B 1 27.62 9.71 33.29
CA GLY B 1 26.34 9.22 33.78
C GLY B 1 25.32 10.31 33.97
N SER B 2 24.35 10.06 34.86
CA SER B 2 23.35 11.06 35.17
C SER B 2 23.82 11.91 36.35
N HIS B 3 23.38 13.18 36.34
CA HIS B 3 23.64 14.10 37.44
C HIS B 3 22.36 14.40 38.20
N MET B 4 21.48 13.41 38.27
CA MET B 4 20.18 13.55 38.88
C MET B 4 20.12 12.73 40.17
N MET B 5 19.27 13.17 41.08
CA MET B 5 19.00 12.30 42.20
C MET B 5 18.01 11.21 41.77
N SER B 6 17.84 10.22 42.63
CA SER B 6 16.99 9.08 42.32
C SER B 6 16.04 8.84 43.48
N THR B 7 15.01 8.02 43.23
CA THR B 7 14.08 7.60 44.27
C THR B 7 13.90 6.11 44.20
N VAL B 8 13.52 5.52 45.32
CA VAL B 8 13.27 4.08 45.39
C VAL B 8 11.86 3.82 44.89
N VAL B 9 11.78 3.03 43.85
CA VAL B 9 10.53 2.53 43.30
C VAL B 9 10.34 1.10 43.77
N SER B 10 9.13 0.78 44.23
CA SER B 10 8.80 -0.57 44.68
C SER B 10 7.49 -1.00 44.04
N PHE B 11 7.41 -2.28 43.71
CA PHE B 11 6.16 -2.83 43.20
C PHE B 11 6.16 -4.34 43.41
N ARG B 12 4.96 -4.91 43.47
CA ARG B 12 4.82 -6.34 43.64
C ARG B 12 4.83 -7.02 42.28
N ALA B 13 5.61 -8.10 42.17
CA ALA B 13 5.75 -8.83 40.93
C ALA B 13 5.60 -10.31 41.23
N ASP B 14 4.94 -11.06 40.34
CA ASP B 14 4.74 -12.48 40.60
CA ASP B 14 4.74 -12.48 40.60
C ASP B 14 6.08 -13.21 40.61
N ASP B 15 6.13 -14.31 41.36
CA ASP B 15 7.40 -14.96 41.63
C ASP B 15 8.09 -15.46 40.36
N ALA B 16 7.32 -15.81 39.34
CA ALA B 16 7.94 -16.31 38.10
C ALA B 16 8.73 -15.20 37.42
N LEU B 17 8.16 -13.99 37.38
CA LEU B 17 8.87 -12.87 36.78
C LEU B 17 10.14 -12.56 37.55
N VAL B 18 10.05 -12.55 38.89
CA VAL B 18 11.23 -12.25 39.70
C VAL B 18 12.29 -13.32 39.52
N ALA B 19 11.86 -14.58 39.41
CA ALA B 19 12.79 -15.67 39.17
C ALA B 19 13.47 -15.53 37.81
N ALA B 20 12.70 -15.15 36.79
CA ALA B 20 13.28 -14.94 35.46
C ALA B 20 14.27 -13.78 35.49
N LEU B 21 13.91 -12.70 36.18
CA LEU B 21 14.82 -11.58 36.38
C LEU B 21 16.09 -12.02 37.08
N ASP B 22 15.96 -12.86 38.09
CA ASP B 22 17.17 -13.25 38.86
C ASP B 22 18.08 -14.12 38.00
N GLU B 23 17.47 -14.95 37.20
CA GLU B 23 18.25 -15.85 36.32
C GLU B 23 18.96 -15.03 35.26
N LEU B 24 18.29 -14.02 34.73
CA LEU B 24 18.91 -13.11 33.74
C LEU B 24 20.09 -12.39 34.41
N ALA B 25 19.91 -11.93 35.65
CA ALA B 25 20.99 -11.23 36.38
C ALA B 25 22.19 -12.17 36.54
N ARG B 26 21.92 -13.42 36.84
CA ARG B 26 23.02 -14.39 37.01
C ARG B 26 23.78 -14.56 35.69
N ALA B 27 23.08 -14.87 34.61
CA ALA B 27 23.67 -15.12 33.27
C ALA B 27 24.44 -13.92 32.72
N THR B 28 23.92 -12.72 32.89
CA THR B 28 24.55 -11.52 32.35
C THR B 28 25.57 -10.90 33.30
N HIS B 29 25.62 -11.36 34.55
CA HIS B 29 26.54 -10.85 35.57
C HIS B 29 26.27 -9.39 35.92
N ARG B 30 25.01 -8.97 35.87
CA ARG B 30 24.56 -7.67 36.35
C ARG B 30 23.41 -7.87 37.32
N ASP B 31 23.31 -7.01 38.33
CA ASP B 31 22.36 -7.23 39.42
C ASP B 31 20.93 -6.87 39.01
N ARG B 32 19.99 -7.14 39.91
CA ARG B 32 18.58 -6.79 39.72
C ARG B 32 18.35 -5.32 39.39
N PRO B 33 18.86 -4.34 40.16
CA PRO B 33 18.54 -2.94 39.86
C PRO B 33 18.96 -2.52 38.47
N TYR B 34 20.10 -3.01 37.97
CA TYR B 34 20.52 -2.66 36.61
C TYR B 34 19.45 -3.07 35.60
N HIS B 35 18.99 -4.31 35.67
CA HIS B 35 17.99 -4.79 34.72
C HIS B 35 16.65 -4.10 34.93
N LEU B 36 16.29 -3.79 36.17
CA LEU B 36 15.02 -3.10 36.39
C LEU B 36 15.08 -1.69 35.80
N ARG B 37 16.24 -1.05 35.90
CA ARG B 37 16.36 0.29 35.32
C ARG B 37 16.30 0.20 33.79
N GLN B 38 16.95 -0.81 33.21
CA GLN B 38 16.85 -1.04 31.77
C GLN B 38 15.41 -1.29 31.36
N ALA B 39 14.69 -2.11 32.13
CA ALA B 39 13.31 -2.42 31.78
C ALA B 39 12.43 -1.18 31.82
N LEU B 40 12.59 -0.35 32.83
CA LEU B 40 11.77 0.85 32.93
C LEU B 40 12.12 1.86 31.86
N ALA B 41 13.42 2.12 31.67
CA ALA B 41 13.84 3.06 30.64
C ALA B 41 13.34 2.63 29.26
N GLN B 42 13.46 1.34 28.94
CA GLN B 42 13.06 0.88 27.61
C GLN B 42 11.55 0.92 27.44
N TYR B 43 10.81 0.59 28.51
CA TYR B 43 9.36 0.71 28.48
C TYR B 43 8.94 2.15 28.19
N LEU B 44 9.54 3.10 28.90
CA LEU B 44 9.13 4.49 28.71
C LEU B 44 9.51 4.98 27.32
N GLU B 45 10.66 4.53 26.82
CA GLU B 45 11.06 4.86 25.46
C GLU B 45 10.03 4.34 24.45
N ARG B 46 9.58 3.10 24.62
CA ARG B 46 8.55 2.57 23.72
C ARG B 46 7.27 3.38 23.80
N GLN B 47 6.89 3.79 25.01
CA GLN B 47 5.66 4.57 25.15
C GLN B 47 5.78 5.93 24.48
N GLN B 48 6.97 6.54 24.50
CA GLN B 48 7.15 7.79 23.77
C GLN B 48 7.13 7.57 22.26
N TRP B 49 7.58 6.40 21.77
CA TRP B 49 7.40 6.14 20.34
C TRP B 49 5.92 6.04 19.96
N GLN B 50 5.08 5.51 20.86
CA GLN B 50 3.65 5.46 20.58
C GLN B 50 3.07 6.86 20.50
N VAL B 51 3.47 7.73 21.43
CA VAL B 51 3.04 9.12 21.35
C VAL B 51 3.47 9.72 20.02
N ALA B 52 4.73 9.55 19.64
CA ALA B 52 5.20 10.10 18.37
C ALA B 52 4.35 9.61 17.20
N ALA B 53 3.99 8.32 17.21
CA ALA B 53 3.20 7.76 16.11
C ALA B 53 1.79 8.34 16.08
N ILE B 54 1.13 8.36 17.24
CA ILE B 54 -0.19 8.97 17.34
C ILE B 54 -0.15 10.40 16.85
N ASP B 55 0.86 11.14 17.26
CA ASP B 55 0.96 12.55 16.85
C ASP B 55 0.97 12.67 15.31
N GLU B 56 1.71 11.81 14.62
CA GLU B 56 1.74 11.89 13.17
C GLU B 56 0.36 11.59 12.60
N GLY B 57 -0.38 10.68 13.24
CA GLY B 57 -1.76 10.44 12.82
C GLY B 57 -2.69 11.60 13.09
N LEU B 58 -2.54 12.27 14.24
CA LEU B 58 -3.34 13.47 14.50
C LEU B 58 -3.05 14.55 13.47
N ALA B 59 -1.79 14.71 13.07
CA ALA B 59 -1.45 15.72 12.07
C ALA B 59 -2.19 15.47 10.76
N ASP B 60 -2.24 14.21 10.31
CA ASP B 60 -3.04 13.86 9.13
C ASP B 60 -4.51 14.22 9.34
N ALA B 61 -5.07 13.80 10.48
CA ALA B 61 -6.50 14.00 10.72
C ALA B 61 -6.84 15.48 10.72
N ASN B 62 -6.02 16.30 11.36
CA ASN B 62 -6.29 17.72 11.42
C ASN B 62 -6.08 18.42 10.09
N ALA B 63 -5.27 17.86 9.20
CA ALA B 63 -5.13 18.39 7.85
C ALA B 63 -6.17 17.81 6.89
N GLY B 64 -7.11 17.00 7.39
CA GLY B 64 -8.14 16.47 6.52
C GLY B 64 -7.69 15.30 5.65
N ARG B 65 -6.53 14.71 5.96
CA ARG B 65 -6.03 13.59 5.17
C ARG B 65 -6.65 12.30 5.66
N LEU B 66 -7.93 12.12 5.32
CA LEU B 66 -8.79 11.06 5.85
C LEU B 66 -9.44 10.29 4.71
N LEU B 67 -9.51 8.98 4.86
CA LEU B 67 -10.08 8.06 3.89
C LEU B 67 -11.29 7.34 4.49
N GLU B 68 -12.27 7.03 3.64
CA GLU B 68 -13.46 6.33 4.11
CA GLU B 68 -13.45 6.34 4.13
C GLU B 68 -13.15 4.87 4.39
N HIS B 69 -13.74 4.32 5.46
CA HIS B 69 -13.52 2.92 5.81
C HIS B 69 -13.85 2.00 4.65
N ILE B 70 -14.95 2.26 3.95
CA ILE B 70 -15.31 1.35 2.86
C ILE B 70 -14.21 1.30 1.81
N GLU B 71 -13.48 2.39 1.63
CA GLU B 71 -12.42 2.42 0.62
C GLU B 71 -11.22 1.59 1.06
N ILE B 72 -10.88 1.64 2.35
CA ILE B 72 -9.91 0.71 2.92
C ILE B 72 -10.34 -0.73 2.65
N GLU B 73 -11.61 -1.04 2.90
CA GLU B 73 -12.09 -2.40 2.66
C GLU B 73 -11.93 -2.79 1.19
N LYS B 74 -12.26 -1.87 0.29
CA LYS B 74 -12.19 -2.22 -1.13
C LYS B 74 -10.75 -2.47 -1.56
N ARG B 75 -9.81 -1.66 -1.08
CA ARG B 75 -8.42 -1.91 -1.47
C ARG B 75 -7.94 -3.26 -0.95
N TRP B 76 -8.45 -3.69 0.20
CA TRP B 76 -8.03 -4.95 0.79
C TRP B 76 -8.95 -6.10 0.42
N GLY B 77 -9.82 -5.91 -0.57
CA GLY B 77 -10.60 -7.01 -1.11
C GLY B 77 -11.76 -7.46 -0.27
N LEU B 78 -12.21 -6.65 0.68
CA LEU B 78 -13.23 -7.06 1.63
C LEU B 78 -14.63 -6.64 1.22
N GLN B 79 -14.77 -5.49 0.60
CA GLN B 79 -16.06 -5.12 0.04
C GLN B 79 -15.85 -4.62 -1.39
N SER C 2 -26.32 14.71 -16.52
CA SER C 2 -25.45 15.85 -16.77
C SER C 2 -24.30 15.46 -17.69
N HIS C 3 -24.18 14.16 -17.97
CA HIS C 3 -23.08 13.56 -18.72
C HIS C 3 -21.76 13.66 -18.00
N MET C 4 -21.77 14.04 -16.72
CA MET C 4 -20.54 14.15 -15.95
C MET C 4 -20.15 12.79 -15.39
N MET C 5 -18.88 12.45 -15.56
CA MET C 5 -18.36 11.15 -15.17
C MET C 5 -17.66 11.26 -13.83
N SER C 6 -17.73 10.19 -13.05
CA SER C 6 -16.81 10.05 -11.93
C SER C 6 -15.65 9.17 -12.37
N LEU C 7 -14.53 9.33 -11.69
CA LEU C 7 -13.31 8.58 -11.99
C LEU C 7 -13.11 7.58 -10.86
N LYS C 8 -13.04 6.30 -11.20
CA LYS C 8 -12.87 5.23 -10.22
C LYS C 8 -11.71 4.33 -10.63
N TRP C 9 -11.04 3.76 -9.62
CA TRP C 9 -9.93 2.84 -9.82
C TRP C 9 -10.35 1.46 -9.34
N THR C 10 -9.97 0.41 -10.06
CA THR C 10 -10.20 -0.92 -9.50
C THR C 10 -9.31 -1.16 -8.28
N ARG C 11 -9.72 -2.13 -7.46
CA ARG C 11 -8.86 -2.65 -6.42
C ARG C 11 -7.49 -3.02 -6.98
N LYS C 12 -7.46 -3.70 -8.12
CA LYS C 12 -6.17 -4.12 -8.68
C LYS C 12 -5.32 -2.92 -9.05
N ALA C 13 -5.92 -1.88 -9.64
CA ALA C 13 -5.14 -0.71 -10.02
C ALA C 13 -4.60 0.03 -8.80
N ALA C 14 -5.39 0.09 -7.72
CA ALA C 14 -4.89 0.68 -6.49
C ALA C 14 -3.72 -0.13 -5.94
N ALA C 15 -3.85 -1.45 -5.95
CA ALA C 15 -2.74 -2.32 -5.53
C ALA C 15 -1.54 -2.14 -6.45
N ASP C 16 -1.76 -1.93 -7.75
CA ASP C 16 -0.64 -1.70 -8.66
C ASP C 16 0.21 -0.53 -8.20
N LEU C 17 -0.42 0.56 -7.75
CA LEU C 17 0.37 1.70 -7.28
C LEU C 17 1.24 1.32 -6.09
N ASP C 18 0.69 0.52 -5.17
CA ASP C 18 1.49 0.08 -4.03
C ASP C 18 2.66 -0.80 -4.49
N ALA C 19 2.43 -1.65 -5.48
CA ALA C 19 3.51 -2.49 -6.00
C ALA C 19 4.56 -1.66 -6.72
N ILE C 20 4.11 -0.67 -7.50
CA ILE C 20 5.05 0.21 -8.19
C ILE C 20 5.89 0.98 -7.18
N TYR C 21 5.26 1.45 -6.11
CA TYR C 21 6.04 2.12 -5.06
C TYR C 21 7.13 1.20 -4.53
N ASP C 22 6.78 -0.04 -4.19
CA ASP C 22 7.79 -0.96 -3.66
C ASP C 22 8.86 -1.27 -4.69
N HIS C 23 8.50 -1.31 -5.97
CA HIS C 23 9.50 -1.53 -7.02
C HIS C 23 10.54 -0.42 -7.03
N TYR C 24 10.09 0.84 -6.96
CA TYR C 24 11.03 1.94 -7.03
C TYR C 24 11.74 2.21 -5.71
N VAL C 25 11.15 1.87 -4.57
CA VAL C 25 11.82 2.21 -3.33
CA VAL C 25 11.80 2.15 -3.29
C VAL C 25 13.16 1.45 -3.22
N VAL C 26 13.22 0.21 -3.70
CA VAL C 26 14.49 -0.51 -3.61
C VAL C 26 15.51 -0.01 -4.61
N LEU C 27 15.09 0.72 -5.64
CA LEU C 27 16.02 1.24 -6.64
C LEU C 27 16.43 2.68 -6.41
N ILE C 28 15.48 3.55 -6.05
CA ILE C 28 15.73 4.99 -5.97
C ILE C 28 15.33 5.57 -4.63
N GLY C 29 14.83 4.77 -3.70
CA GLY C 29 14.56 5.24 -2.36
C GLY C 29 13.14 5.75 -2.21
N PRO C 30 12.71 5.97 -0.98
CA PRO C 30 11.27 6.26 -0.74
C PRO C 30 10.82 7.62 -1.22
N GLU C 31 11.66 8.65 -1.07
CA GLU C 31 11.27 9.97 -1.54
C GLU C 31 11.02 9.97 -3.04
N LYS C 32 11.95 9.39 -3.81
CA LYS C 32 11.79 9.39 -5.26
C LYS C 32 10.71 8.41 -5.71
N ALA C 33 10.50 7.33 -4.95
CA ALA C 33 9.45 6.39 -5.30
C ALA C 33 8.08 7.01 -5.08
N LEU C 34 7.89 7.72 -3.98
CA LEU C 34 6.64 8.43 -3.75
C LEU C 34 6.37 9.44 -4.87
N LYS C 35 7.41 10.19 -5.26
CA LYS C 35 7.28 11.19 -6.35
C LYS C 35 6.79 10.49 -7.62
N ALA C 36 7.37 9.34 -7.95
CA ALA C 36 7.00 8.57 -9.14
C ALA C 36 5.53 8.19 -9.10
N VAL C 37 5.08 7.66 -7.97
CA VAL C 37 3.69 7.24 -7.87
C VAL C 37 2.76 8.44 -7.91
N GLN C 38 3.11 9.52 -7.19
CA GLN C 38 2.29 10.73 -7.24
C GLN C 38 2.14 11.25 -8.67
N ASP C 39 3.23 11.20 -9.43
CA ASP C 39 3.23 11.59 -10.84
C ASP C 39 2.24 10.75 -11.64
N ILE C 40 2.29 9.43 -11.48
CA ILE C 40 1.36 8.53 -12.16
C ILE C 40 -0.08 8.89 -11.82
N VAL C 41 -0.38 9.08 -10.53
CA VAL C 41 -1.76 9.38 -10.14
C VAL C 41 -2.21 10.69 -10.75
N GLU C 42 -1.34 11.70 -10.76
CA GLU C 42 -1.75 12.98 -11.32
CA GLU C 42 -1.73 13.00 -11.32
C GLU C 42 -1.93 12.91 -12.84
N GLN C 43 -1.22 11.99 -13.51
CA GLN C 43 -1.41 11.84 -14.96
C GLN C 43 -2.73 11.16 -15.29
N VAL C 44 -3.24 10.34 -14.38
CA VAL C 44 -4.50 9.65 -14.61
C VAL C 44 -5.68 10.56 -14.36
N LYS C 45 -5.54 11.49 -13.41
CA LYS C 45 -6.60 12.42 -13.01
C LYS C 45 -7.38 13.06 -14.16
N PRO C 46 -6.76 13.59 -15.22
CA PRO C 46 -7.55 14.29 -16.25
C PRO C 46 -8.46 13.38 -17.05
N LEU C 47 -8.29 12.06 -16.98
CA LEU C 47 -9.19 11.16 -17.70
C LEU C 47 -10.63 11.32 -17.25
N GLN C 48 -10.84 11.87 -16.04
CA GLN C 48 -12.20 12.19 -15.62
C GLN C 48 -12.88 13.08 -16.64
N GLN C 49 -12.16 14.06 -17.17
CA GLN C 49 -12.75 14.96 -18.13
C GLN C 49 -12.65 14.45 -19.56
N VAL C 50 -11.64 13.64 -19.92
CA VAL C 50 -11.32 13.41 -21.31
C VAL C 50 -11.32 11.94 -21.73
N ALA C 51 -11.74 11.01 -20.86
CA ALA C 51 -11.71 9.60 -21.29
C ALA C 51 -12.76 9.32 -22.36
N ASN C 52 -13.95 9.92 -22.24
CA ASN C 52 -14.98 9.70 -23.26
C ASN C 52 -14.83 10.63 -24.46
N GLN C 53 -13.70 11.33 -24.59
CA GLN C 53 -13.43 12.10 -25.79
C GLN C 53 -12.28 11.52 -26.60
N GLY C 54 -12.04 10.22 -26.47
CA GLY C 54 -11.03 9.58 -27.28
C GLY C 54 -9.62 9.76 -26.77
N ALA C 55 -9.44 9.98 -25.48
CA ALA C 55 -8.09 10.02 -24.94
C ALA C 55 -7.44 8.65 -25.08
N GLY C 56 -6.11 8.64 -25.06
CA GLY C 56 -5.37 7.40 -25.24
C GLY C 56 -5.58 6.76 -26.60
N ARG C 57 -5.36 5.45 -26.64
CA ARG C 57 -5.39 4.67 -27.86
C ARG C 57 -6.14 3.37 -27.59
N PRO C 58 -6.64 2.71 -28.63
CA PRO C 58 -7.27 1.40 -28.42
C PRO C 58 -6.24 0.44 -27.86
N SER C 59 -6.66 -0.36 -26.90
CA SER C 59 -5.79 -1.35 -26.30
C SER C 59 -5.91 -2.68 -27.04
N GLU C 60 -5.29 -3.70 -26.47
CA GLU C 60 -5.33 -5.06 -26.98
CA GLU C 60 -5.38 -5.01 -27.07
C GLU C 60 -6.66 -5.75 -26.70
N VAL C 61 -7.51 -5.15 -25.88
CA VAL C 61 -8.76 -5.74 -25.37
C VAL C 61 -9.96 -4.95 -25.89
N PRO C 62 -11.02 -5.60 -26.36
CA PRO C 62 -12.18 -4.85 -26.89
C PRO C 62 -12.90 -4.06 -25.80
N GLY C 63 -13.23 -2.82 -26.11
CA GLY C 63 -13.90 -1.95 -25.18
C GLY C 63 -12.99 -1.23 -24.21
N VAL C 64 -11.68 -1.42 -24.34
CA VAL C 64 -10.73 -0.86 -23.38
C VAL C 64 -9.70 -0.07 -24.17
N ARG C 65 -9.51 1.19 -23.79
CA ARG C 65 -8.44 2.03 -24.32
C ARG C 65 -7.32 2.12 -23.28
N THR C 66 -6.20 2.70 -23.68
CA THR C 66 -5.06 2.80 -22.77
CA THR C 66 -5.06 2.80 -22.78
C THR C 66 -4.43 4.17 -22.88
N LEU C 67 -4.07 4.74 -21.72
CA LEU C 67 -3.33 5.99 -21.67
C LEU C 67 -1.87 5.64 -21.39
N THR C 68 -1.00 5.94 -22.35
CA THR C 68 0.43 5.72 -22.13
C THR C 68 0.99 6.89 -21.34
N LEU C 69 1.63 6.57 -20.21
CA LEU C 69 2.06 7.61 -19.29
C LEU C 69 3.41 8.19 -19.70
N GLU C 70 3.66 9.41 -19.26
CA GLU C 70 4.95 10.05 -19.48
C GLU C 70 5.90 9.73 -18.33
N ARG C 71 7.20 9.71 -18.64
CA ARG C 71 8.28 9.64 -17.65
C ARG C 71 8.43 8.29 -16.96
N TRP C 72 7.38 7.47 -16.94
CA TRP C 72 7.45 6.19 -16.25
C TRP C 72 6.87 5.11 -17.15
N PRO C 73 7.49 3.94 -17.20
CA PRO C 73 7.13 2.91 -18.18
C PRO C 73 5.85 2.18 -17.83
N PHE C 74 4.75 2.92 -17.76
CA PHE C 74 3.47 2.33 -17.39
C PHE C 74 2.38 2.84 -18.31
N SER C 75 1.31 2.07 -18.35
CA SER C 75 0.12 2.45 -19.09
C SER C 75 -1.11 2.22 -18.22
N ALA C 76 -2.13 3.05 -18.42
CA ALA C 76 -3.37 2.96 -17.65
C ALA C 76 -4.51 2.50 -18.56
N PRO C 77 -4.84 1.21 -18.59
CA PRO C 77 -6.06 0.79 -19.32
C PRO C 77 -7.29 1.31 -18.59
N PHE C 78 -8.26 1.81 -19.36
CA PHE C 78 -9.45 2.37 -18.77
C PHE C 78 -10.63 2.09 -19.69
N ARG C 79 -11.83 2.20 -19.13
CA ARG C 79 -13.04 2.08 -19.93
C ARG C 79 -14.08 3.04 -19.40
N VAL C 80 -15.02 3.38 -20.28
CA VAL C 80 -16.18 4.18 -19.92
C VAL C 80 -17.32 3.20 -19.69
N LYS C 81 -17.90 3.21 -18.50
CA LYS C 81 -19.00 2.29 -18.17
C LYS C 81 -20.07 3.06 -17.42
N GLY C 82 -21.20 3.30 -18.09
CA GLY C 82 -22.25 4.11 -17.50
C GLY C 82 -21.79 5.52 -17.23
N LYS C 83 -21.88 5.94 -15.97
CA LYS C 83 -21.45 7.26 -15.54
C LYS C 83 -20.00 7.27 -15.04
N GLU C 84 -19.28 6.15 -15.16
CA GLU C 84 -17.95 6.04 -14.58
C GLU C 84 -16.89 5.89 -15.65
N ILE C 85 -15.76 6.59 -15.44
CA ILE C 85 -14.50 6.23 -16.07
C ILE C 85 -13.79 5.30 -15.11
N GLN C 86 -13.44 4.10 -15.56
CA GLN C 86 -12.87 3.07 -14.69
C GLN C 86 -11.41 2.83 -15.05
N ILE C 87 -10.51 3.10 -14.10
CA ILE C 87 -9.08 2.81 -14.29
C ILE C 87 -8.87 1.35 -13.91
N LEU C 88 -8.53 0.52 -14.91
CA LEU C 88 -8.56 -0.92 -14.71
C LEU C 88 -7.26 -1.47 -14.11
N ARG C 89 -6.12 -0.93 -14.52
CA ARG C 89 -4.81 -1.35 -14.01
C ARG C 89 -3.86 -0.17 -14.15
N ILE C 90 -2.69 -0.29 -13.52
CA ILE C 90 -1.50 0.46 -13.94
C ILE C 90 -0.47 -0.61 -14.27
N ASP C 91 -0.31 -0.88 -15.56
CA ASP C 91 0.50 -1.98 -16.04
C ASP C 91 1.87 -1.49 -16.50
N ARG C 92 2.88 -2.28 -16.19
CA ARG C 92 4.24 -1.98 -16.70
C ARG C 92 4.26 -2.30 -18.19
N VAL C 93 4.76 -1.40 -19.02
CA VAL C 93 4.92 -1.62 -20.46
C VAL C 93 6.37 -1.39 -20.86
N GLU C 94 6.70 -1.76 -22.08
CA GLU C 94 8.07 -1.63 -22.55
C GLU C 94 8.20 -0.56 -23.64
N MET D 5 2.20 -24.40 -43.40
CA MET D 5 2.75 -24.42 -42.05
C MET D 5 3.09 -23.01 -41.55
N SER D 6 3.62 -22.19 -42.46
CA SER D 6 4.10 -20.86 -42.08
C SER D 6 3.99 -19.93 -43.27
N THR D 7 4.13 -18.64 -43.02
CA THR D 7 4.07 -17.62 -44.05
C THR D 7 5.26 -16.69 -43.91
N VAL D 8 5.58 -16.02 -45.01
CA VAL D 8 6.69 -15.07 -45.07
C VAL D 8 6.20 -13.75 -44.53
N VAL D 9 6.86 -13.26 -43.48
CA VAL D 9 6.55 -11.97 -42.89
C VAL D 9 7.62 -10.98 -43.35
N SER D 10 7.21 -9.78 -43.71
CA SER D 10 8.16 -8.80 -44.21
C SER D 10 7.77 -7.41 -43.72
N PHE D 11 8.78 -6.57 -43.47
CA PHE D 11 8.57 -5.20 -43.03
C PHE D 11 9.85 -4.41 -43.22
N ARG D 12 9.70 -3.10 -43.44
CA ARG D 12 10.86 -2.22 -43.51
C ARG D 12 11.32 -1.82 -42.12
N ALA D 13 12.63 -1.89 -41.90
CA ALA D 13 13.20 -1.56 -40.60
C ALA D 13 14.33 -0.56 -40.75
N ASP D 14 14.45 0.34 -39.77
CA ASP D 14 15.53 1.32 -39.75
C ASP D 14 16.89 0.61 -39.79
N ASP D 15 17.81 1.16 -40.58
CA ASP D 15 19.11 0.53 -40.74
C ASP D 15 19.83 0.35 -39.42
N ALA D 16 19.61 1.26 -38.45
CA ALA D 16 20.22 1.09 -37.14
C ALA D 16 19.70 -0.17 -36.45
N LEU D 17 18.38 -0.43 -36.58
CA LEU D 17 17.83 -1.68 -36.07
C LEU D 17 18.46 -2.88 -36.74
N VAL D 18 18.60 -2.83 -38.06
CA VAL D 18 19.13 -3.97 -38.80
C VAL D 18 20.58 -4.22 -38.42
N ALA D 19 21.35 -3.16 -38.18
CA ALA D 19 22.74 -3.33 -37.79
C ALA D 19 22.85 -4.00 -36.42
N ALA D 20 22.03 -3.57 -35.46
CA ALA D 20 22.04 -4.20 -34.14
C ALA D 20 21.60 -5.66 -34.23
N LEU D 21 20.58 -5.94 -35.06
CA LEU D 21 20.17 -7.33 -35.28
C LEU D 21 21.33 -8.14 -35.83
N ASP D 22 22.07 -7.59 -36.79
CA ASP D 22 23.19 -8.32 -37.37
C ASP D 22 24.28 -8.57 -36.34
N GLU D 23 24.59 -7.57 -35.51
CA GLU D 23 25.65 -7.80 -34.52
C GLU D 23 25.22 -8.81 -33.46
N LEU D 24 23.95 -8.77 -33.06
CA LEU D 24 23.42 -9.81 -32.17
C LEU D 24 23.54 -11.19 -32.80
N ALA D 25 23.22 -11.30 -34.09
CA ALA D 25 23.35 -12.59 -34.77
C ALA D 25 24.80 -13.07 -34.78
N ARG D 26 25.75 -12.16 -34.98
CA ARG D 26 27.17 -12.55 -34.98
C ARG D 26 27.60 -13.02 -33.61
N ALA D 27 27.24 -12.26 -32.57
CA ALA D 27 27.70 -12.60 -31.23
C ALA D 27 27.13 -13.94 -30.79
N THR D 28 25.85 -14.20 -31.11
CA THR D 28 25.16 -15.40 -30.65
C THR D 28 25.28 -16.58 -31.60
N HIS D 29 25.89 -16.39 -32.77
CA HIS D 29 26.03 -17.46 -33.76
C HIS D 29 24.68 -18.04 -34.17
N ARG D 30 23.66 -17.18 -34.28
CA ARG D 30 22.35 -17.59 -34.75
C ARG D 30 21.94 -16.70 -35.91
N ASP D 31 21.12 -17.23 -36.82
CA ASP D 31 20.82 -16.44 -38.01
C ASP D 31 19.76 -15.40 -37.71
N ARG D 32 19.57 -14.48 -38.65
CA ARG D 32 18.58 -13.42 -38.42
CA ARG D 32 18.59 -13.41 -38.43
C ARG D 32 17.16 -13.94 -38.29
N PRO D 33 16.68 -14.92 -39.06
CA PRO D 33 15.33 -15.43 -38.83
C PRO D 33 15.10 -15.94 -37.42
N TYR D 34 16.09 -16.61 -36.82
CA TYR D 34 15.92 -17.08 -35.45
C TYR D 34 15.57 -15.93 -34.51
N HIS D 35 16.32 -14.82 -34.62
CA HIS D 35 16.13 -13.70 -33.71
C HIS D 35 14.85 -12.94 -34.02
N LEU D 36 14.48 -12.86 -35.30
CA LEU D 36 13.21 -12.21 -35.65
C LEU D 36 12.03 -13.00 -35.12
N ARG D 37 12.08 -14.33 -35.23
CA ARG D 37 11.04 -15.15 -34.61
C ARG D 37 11.02 -14.99 -33.10
N GLN D 38 12.20 -14.96 -32.47
CA GLN D 38 12.26 -14.68 -31.03
C GLN D 38 11.62 -13.35 -30.69
N ALA D 39 11.97 -12.30 -31.46
CA ALA D 39 11.41 -10.97 -31.21
C ALA D 39 9.90 -10.98 -31.29
N LEU D 40 9.35 -11.58 -32.35
CA LEU D 40 7.91 -11.57 -32.55
C LEU D 40 7.19 -12.41 -31.49
N ALA D 41 7.71 -13.60 -31.19
CA ALA D 41 7.05 -14.45 -30.20
C ALA D 41 7.09 -13.81 -28.82
N GLN D 42 8.22 -13.20 -28.45
CA GLN D 42 8.29 -12.56 -27.14
C GLN D 42 7.39 -11.33 -27.07
N TYR D 43 7.32 -10.56 -28.17
CA TYR D 43 6.43 -9.41 -28.22
C TYR D 43 4.97 -9.85 -28.03
N LEU D 44 4.54 -10.87 -28.77
CA LEU D 44 3.15 -11.33 -28.66
C LEU D 44 2.88 -11.89 -27.27
N GLU D 45 3.89 -12.53 -26.67
CA GLU D 45 3.76 -13.04 -25.31
C GLU D 45 3.56 -11.90 -24.31
N ARG D 46 4.27 -10.80 -24.49
CA ARG D 46 4.08 -9.63 -23.60
C ARG D 46 2.71 -9.00 -23.86
N GLN D 47 2.23 -8.99 -25.10
CA GLN D 47 0.92 -8.43 -25.37
C GLN D 47 -0.16 -9.29 -24.73
N GLN D 48 0.02 -10.61 -24.72
CA GLN D 48 -0.96 -11.47 -24.05
C GLN D 48 -0.91 -11.30 -22.53
N TRP D 49 0.27 -11.00 -21.99
CA TRP D 49 0.34 -10.63 -20.58
C TRP D 49 -0.47 -9.38 -20.29
N GLN D 50 -0.44 -8.42 -21.22
CA GLN D 50 -1.24 -7.21 -21.04
C GLN D 50 -2.72 -7.53 -21.06
N VAL D 51 -3.15 -8.40 -21.98
CA VAL D 51 -4.56 -8.80 -22.02
C VAL D 51 -4.96 -9.42 -20.69
N ALA D 52 -4.14 -10.34 -20.17
CA ALA D 52 -4.49 -11.01 -18.91
C ALA D 52 -4.58 -10.02 -17.77
N ALA D 53 -3.64 -9.07 -17.73
CA ALA D 53 -3.65 -8.05 -16.68
C ALA D 53 -4.90 -7.19 -16.77
N ILE D 54 -5.23 -6.73 -17.97
CA ILE D 54 -6.45 -5.95 -18.18
C ILE D 54 -7.67 -6.75 -17.76
N ASP D 55 -7.70 -8.04 -18.10
CA ASP D 55 -8.84 -8.88 -17.73
C ASP D 55 -9.02 -8.94 -16.23
N GLU D 56 -7.92 -9.00 -15.48
CA GLU D 56 -8.06 -8.99 -14.02
C GLU D 56 -8.68 -7.68 -13.54
N GLY D 57 -8.31 -6.56 -14.16
CA GLY D 57 -8.94 -5.29 -13.81
C GLY D 57 -10.41 -5.26 -14.17
N LEU D 58 -10.75 -5.83 -15.33
CA LEU D 58 -12.16 -5.88 -15.74
C LEU D 58 -12.97 -6.70 -14.75
N ALA D 59 -12.39 -7.80 -14.25
CA ALA D 59 -13.10 -8.61 -13.28
C ALA D 59 -13.41 -7.82 -12.01
N ASP D 60 -12.43 -7.04 -11.53
CA ASP D 60 -12.70 -6.18 -10.37
C ASP D 60 -13.80 -5.18 -10.70
N ALA D 61 -13.73 -4.56 -11.87
CA ALA D 61 -14.70 -3.52 -12.20
C ALA D 61 -16.11 -4.11 -12.29
N ASN D 62 -16.24 -5.28 -12.91
CA ASN D 62 -17.56 -5.89 -13.06
C ASN D 62 -18.10 -6.46 -11.75
N ALA D 63 -17.24 -6.68 -10.75
CA ALA D 63 -17.64 -7.05 -9.40
C ALA D 63 -17.83 -5.85 -8.48
N GLY D 64 -17.70 -4.64 -8.99
CA GLY D 64 -17.92 -3.46 -8.18
C GLY D 64 -16.79 -3.13 -7.24
N ARG D 65 -15.62 -3.70 -7.46
CA ARG D 65 -14.47 -3.47 -6.58
C ARG D 65 -13.78 -2.22 -7.10
N LEU D 66 -14.37 -1.07 -6.80
CA LEU D 66 -13.97 0.21 -7.38
C LEU D 66 -13.79 1.25 -6.28
N LEU D 67 -12.73 2.05 -6.37
CA LEU D 67 -12.40 3.07 -5.40
C LEU D 67 -12.51 4.45 -6.03
N GLU D 68 -12.91 5.47 -5.25
CA GLU D 68 -12.93 6.83 -5.78
C GLU D 68 -11.54 7.36 -6.02
N HIS D 69 -11.36 8.10 -7.12
CA HIS D 69 -10.05 8.70 -7.42
C HIS D 69 -9.53 9.53 -6.26
N ILE D 70 -10.39 10.32 -5.61
CA ILE D 70 -9.92 11.22 -4.55
C ILE D 70 -9.32 10.41 -3.40
N GLU D 71 -9.81 9.19 -3.17
CA GLU D 71 -9.26 8.35 -2.10
C GLU D 71 -7.89 7.81 -2.47
N ILE D 72 -7.66 7.54 -3.77
CA ILE D 72 -6.32 7.23 -4.25
C ILE D 72 -5.37 8.40 -3.98
N GLU D 73 -5.83 9.62 -4.26
CA GLU D 73 -5.01 10.80 -3.98
C GLU D 73 -4.73 10.96 -2.49
N LYS D 74 -5.71 10.69 -1.64
CA LYS D 74 -5.47 10.83 -0.20
C LYS D 74 -4.45 9.81 0.31
N ARG D 75 -4.57 8.55 -0.16
CA ARG D 75 -3.58 7.53 0.18
C ARG D 75 -2.16 8.00 -0.16
N TRP D 76 -2.01 8.69 -1.29
CA TRP D 76 -0.69 9.04 -1.79
C TRP D 76 -0.30 10.48 -1.47
N GLY D 77 -1.04 11.13 -0.57
CA GLY D 77 -0.66 12.43 -0.03
C GLY D 77 -0.83 13.58 -0.98
N LEU D 78 -1.64 13.43 -2.02
CA LEU D 78 -1.85 14.48 -3.00
C LEU D 78 -2.90 15.48 -2.58
N GLN D 79 -3.75 15.10 -1.63
CA GLN D 79 -4.61 16.06 -0.96
C GLN D 79 -5.20 15.45 0.31
C1 GOL E . -13.16 -4.25 20.36
O1 GOL E . -13.35 -5.11 21.48
C2 GOL E . -14.37 -3.39 20.08
O2 GOL E . -14.09 -2.42 19.09
C3 GOL E . -15.59 -4.21 19.70
O3 GOL E . -15.35 -5.01 18.54
C1 GOL F . -10.61 4.25 31.73
O1 GOL F . -10.25 5.56 32.20
C2 GOL F . -11.86 4.29 30.88
O2 GOL F . -11.81 5.39 29.98
C3 GOL F . -12.12 3.00 30.13
O3 GOL F . -13.51 2.76 29.95
O1 2PE G . -5.78 -7.19 -2.78
C2 2PE G . -4.69 -7.02 -1.88
C3 2PE G . -3.43 -6.61 -2.58
O4 2PE G . -2.31 -6.95 -1.80
C5 2PE G . -1.07 -6.64 -2.44
C6 2PE G . -1.04 -5.18 -2.78
O7 2PE G . 0.15 -4.88 -3.50
C8 2PE G . 1.29 -4.72 -2.65
C9 2PE G . 1.08 -3.52 -1.78
O10 2PE G . 1.28 -3.87 -0.42
C11 2PE G . 2.27 -3.09 0.23
C12 2PE G . 2.18 -1.67 -0.24
O13 2PE G . 3.45 -1.21 -0.66
C14 2PE G . 3.60 0.20 -0.53
C15 2PE G . 4.29 0.52 0.75
O16 2PE G . 3.35 1.06 1.68
C17 2PE G . 3.94 1.99 2.58
C18 2PE G . 3.36 3.35 2.33
O19 2PE G . 4.40 4.25 1.94
C20 2PE G . 3.90 5.37 1.21
C21 2PE G . 3.11 6.25 2.12
O22 2PE G . 2.71 7.42 1.42
C23 2PE G . 2.38 8.50 2.29
C24 2PE G . 2.03 9.71 1.48
O25 2PE G . 2.83 10.81 1.89
C26 2PE G . 2.11 12.03 1.94
C27 2PE G . 3.02 13.15 2.35
O28 2PE G . 2.38 14.08 3.21
C1 BEN H . -5.23 2.48 -0.51
C2 BEN H . -6.12 2.42 0.57
C3 BEN H . -7.33 3.09 0.51
C4 BEN H . -7.67 3.79 -0.62
C5 BEN H . -6.81 3.86 -1.69
C6 BEN H . -5.60 3.20 -1.64
C BEN H . -3.93 1.77 -0.44
N1 BEN H . -3.56 1.10 0.60
N2 BEN H . -3.12 1.84 -1.52
C1 GOL I . 11.70 -5.19 0.19
O1 GOL I . 12.49 -4.04 0.50
C2 GOL I . 10.26 -4.80 -0.11
O2 GOL I . 10.22 -3.52 -0.74
C3 GOL I . 9.53 -5.82 -0.96
O3 GOL I . 8.84 -6.77 -0.15
C1 GOL J . 22.22 -16.69 -41.83
O1 GOL J . 23.13 -16.41 -40.77
C2 GOL J . 21.72 -15.42 -42.48
O2 GOL J . 20.91 -14.69 -41.56
C3 GOL J . 22.82 -14.54 -43.02
O3 GOL J . 22.64 -14.27 -44.41
#